data_1DEY
# 
_entry.id   1DEY 
# 
_audit_conform.dict_name       mmcif_pdbx.dic 
_audit_conform.dict_version    5.392 
_audit_conform.dict_location   http://mmcif.pdb.org/dictionaries/ascii/mmcif_pdbx.dic 
# 
loop_
_database_2.database_id 
_database_2.database_code 
_database_2.pdbx_database_accession 
_database_2.pdbx_DOI 
PDB   1DEY         pdb_00001dey 10.2210/pdb1dey/pdb 
RCSB  RCSB010025   ?            ?                   
WWPDB D_1000010025 ?            ?                   
# 
loop_
_pdbx_audit_revision_history.ordinal 
_pdbx_audit_revision_history.data_content_type 
_pdbx_audit_revision_history.major_revision 
_pdbx_audit_revision_history.minor_revision 
_pdbx_audit_revision_history.revision_date 
1 'Structure model' 1 0 2000-04-24 
2 'Structure model' 1 1 2008-04-27 
3 'Structure model' 1 2 2011-07-13 
4 'Structure model' 1 3 2022-03-23 
5 'Structure model' 1 4 2024-05-22 
# 
_pdbx_audit_revision_details.ordinal             1 
_pdbx_audit_revision_details.revision_ordinal    1 
_pdbx_audit_revision_details.data_content_type   'Structure model' 
_pdbx_audit_revision_details.provider            repository 
_pdbx_audit_revision_details.type                'Initial release' 
_pdbx_audit_revision_details.description         ? 
_pdbx_audit_revision_details.details             ? 
# 
loop_
_pdbx_audit_revision_group.ordinal 
_pdbx_audit_revision_group.revision_ordinal 
_pdbx_audit_revision_group.data_content_type 
_pdbx_audit_revision_group.group 
1 2 'Structure model' 'Version format compliance' 
2 3 'Structure model' 'Version format compliance' 
3 4 'Structure model' 'Database references'       
4 4 'Structure model' 'Derived calculations'      
5 5 'Structure model' 'Data collection'           
# 
loop_
_pdbx_audit_revision_category.ordinal 
_pdbx_audit_revision_category.revision_ordinal 
_pdbx_audit_revision_category.data_content_type 
_pdbx_audit_revision_category.category 
1 4 'Structure model' database_2            
2 4 'Structure model' pdbx_struct_assembly  
3 4 'Structure model' pdbx_struct_oper_list 
4 4 'Structure model' struct_conn           
5 4 'Structure model' struct_site           
6 5 'Structure model' chem_comp_atom        
7 5 'Structure model' chem_comp_bond        
# 
loop_
_pdbx_audit_revision_item.ordinal 
_pdbx_audit_revision_item.revision_ordinal 
_pdbx_audit_revision_item.data_content_type 
_pdbx_audit_revision_item.item 
1  4 'Structure model' '_database_2.pdbx_DOI'                
2  4 'Structure model' '_database_2.pdbx_database_accession' 
3  4 'Structure model' '_struct_conn.ptnr1_auth_comp_id'     
4  4 'Structure model' '_struct_conn.ptnr1_auth_seq_id'      
5  4 'Structure model' '_struct_conn.ptnr1_label_asym_id'    
6  4 'Structure model' '_struct_conn.ptnr1_label_atom_id'    
7  4 'Structure model' '_struct_conn.ptnr1_label_comp_id'    
8  4 'Structure model' '_struct_conn.ptnr2_auth_comp_id'     
9  4 'Structure model' '_struct_conn.ptnr2_auth_seq_id'      
10 4 'Structure model' '_struct_conn.ptnr2_label_asym_id'    
11 4 'Structure model' '_struct_conn.ptnr2_label_atom_id'    
12 4 'Structure model' '_struct_conn.ptnr2_label_comp_id'    
13 4 'Structure model' '_struct_site.pdbx_auth_asym_id'      
14 4 'Structure model' '_struct_site.pdbx_auth_comp_id'      
15 4 'Structure model' '_struct_site.pdbx_auth_seq_id'       
# 
_pdbx_database_status.status_code                     REL 
_pdbx_database_status.entry_id                        1DEY 
_pdbx_database_status.recvd_initial_deposition_date   1999-11-16 
_pdbx_database_status.deposit_site                    RCSB 
_pdbx_database_status.process_site                    RCSB 
_pdbx_database_status.SG_entry                        . 
_pdbx_database_status.pdb_format_compatible           Y 
_pdbx_database_status.status_code_mr                  ? 
_pdbx_database_status.status_code_sf                  ? 
_pdbx_database_status.status_code_cs                  ? 
_pdbx_database_status.status_code_nmr_data            ? 
_pdbx_database_status.methods_development_category    ? 
# 
loop_
_audit_author.name 
_audit_author.pdbx_ordinal 
'Lehmann, T.E.' 1 
'Serrano, M.L.' 2 
'Que Jr., L.'   3 
# 
_citation.id                        primary 
_citation.title                     
'Coordination chemistry of co(II)-bleomycin: its investigation through NMR and molecular dynamics.' 
_citation.journal_abbrev            Biochemistry 
_citation.journal_volume            39 
_citation.page_first                3886 
_citation.page_last                 3898 
_citation.year                      2000 
_citation.journal_id_ASTM           BICHAW 
_citation.country                   US 
_citation.journal_id_ISSN           0006-2960 
_citation.journal_id_CSD            0033 
_citation.book_publisher            ? 
_citation.pdbx_database_id_PubMed   10747776 
_citation.pdbx_database_id_DOI      10.1021/bi991841p 
# 
loop_
_citation_author.citation_id 
_citation_author.name 
_citation_author.ordinal 
_citation_author.identifier_ORCID 
primary 'Lehmann, T.E.' 1 ? 
primary 'Serrano, M.L.' 2 ? 
primary 'Que Jr., L.'   3 ? 
# 
loop_
_entity.id 
_entity.type 
_entity.src_method 
_entity.pdbx_description 
_entity.formula_weight 
_entity.pdbx_number_of_molecules 
_entity.pdbx_ec 
_entity.pdbx_mutation 
_entity.pdbx_fragment 
_entity.details 
1 non-polymer syn 'BLEOMYCIN A2'    1416.560 1 ? ? ? ? 
2 non-polymer syn 'COBALT (II) ION' 58.933   1 ? ? ? ? 
# 
loop_
_pdbx_entity_nonpoly.entity_id 
_pdbx_entity_nonpoly.name 
_pdbx_entity_nonpoly.comp_id 
1 'BLEOMYCIN A2'    BLM 
2 'COBALT (II) ION' CO  
# 
loop_
_chem_comp.id 
_chem_comp.type 
_chem_comp.mon_nstd_flag 
_chem_comp.name 
_chem_comp.pdbx_synonyms 
_chem_comp.formula 
_chem_comp.formula_weight 
BLM non-polymer . 'BLEOMYCIN A2'    'N1-[3-(DIMETHYLSULFONIO)-PROPYL]BLEOMYCINAMIDE' 'C55 H85 N17 O21 S3' 1416.560 
CO  non-polymer . 'COBALT (II) ION' ?                                                'Co 2'               58.933   
# 
loop_
_pdbx_nonpoly_scheme.asym_id 
_pdbx_nonpoly_scheme.entity_id 
_pdbx_nonpoly_scheme.mon_id 
_pdbx_nonpoly_scheme.ndb_seq_num 
_pdbx_nonpoly_scheme.pdb_seq_num 
_pdbx_nonpoly_scheme.auth_seq_num 
_pdbx_nonpoly_scheme.pdb_mon_id 
_pdbx_nonpoly_scheme.auth_mon_id 
_pdbx_nonpoly_scheme.pdb_strand_id 
_pdbx_nonpoly_scheme.pdb_ins_code 
A 1 BLM 1 1 1  BLM ALA A . 
B 2 CO  1 2 10 CO  CO  A . 
# 
_cell.entry_id           1DEY 
_cell.length_a           1.000 
_cell.length_b           1.000 
_cell.length_c           1.000 
_cell.angle_alpha        90.00 
_cell.angle_beta         90.00 
_cell.angle_gamma        90.00 
_cell.Z_PDB              1 
_cell.pdbx_unique_axis   ? 
# 
_symmetry.entry_id                         1DEY 
_symmetry.space_group_name_H-M             'P 1' 
_symmetry.pdbx_full_space_group_name_H-M   ? 
_symmetry.cell_setting                     ? 
_symmetry.Int_Tables_number                1 
# 
_exptl.entry_id          1DEY 
_exptl.method            'SOLUTION NMR' 
_exptl.crystals_number   ? 
# 
_struct.entry_id                  1DEY 
_struct.title                     'NMR SOLUTION STRUCTURE OF CO(II)-BLEOMYCIN A2' 
_struct.pdbx_model_details        ? 
_struct.pdbx_CASP_flag            ? 
_struct.pdbx_model_type_details   ? 
# 
_struct_keywords.entry_id        1DEY 
_struct_keywords.pdbx_keywords   ANTIBIOTIC 
_struct_keywords.text            ANTIBIOTIC 
# 
loop_
_struct_asym.id 
_struct_asym.pdbx_blank_PDB_chainid_flag 
_struct_asym.pdbx_modified 
_struct_asym.entity_id 
_struct_asym.details 
A N N 1 ? 
B N N 2 ? 
# 
_pdbx_struct_assembly.id                   1 
_pdbx_struct_assembly.details              author_defined_assembly 
_pdbx_struct_assembly.method_details       ? 
_pdbx_struct_assembly.oligomeric_details   monomeric 
_pdbx_struct_assembly.oligomeric_count     1 
# 
_pdbx_struct_assembly_gen.assembly_id       1 
_pdbx_struct_assembly_gen.oper_expression   1 
_pdbx_struct_assembly_gen.asym_id_list      A,B 
# 
_pdbx_struct_oper_list.id                   1 
_pdbx_struct_oper_list.type                 'identity operation' 
_pdbx_struct_oper_list.name                 1_555 
_pdbx_struct_oper_list.symmetry_operation   ? 
_pdbx_struct_oper_list.matrix[1][1]         1.0000000000 
_pdbx_struct_oper_list.matrix[1][2]         0.0000000000 
_pdbx_struct_oper_list.matrix[1][3]         0.0000000000 
_pdbx_struct_oper_list.vector[1]            0.0000000000 
_pdbx_struct_oper_list.matrix[2][1]         0.0000000000 
_pdbx_struct_oper_list.matrix[2][2]         1.0000000000 
_pdbx_struct_oper_list.matrix[2][3]         0.0000000000 
_pdbx_struct_oper_list.vector[2]            0.0000000000 
_pdbx_struct_oper_list.matrix[3][1]         0.0000000000 
_pdbx_struct_oper_list.matrix[3][2]         0.0000000000 
_pdbx_struct_oper_list.matrix[3][3]         1.0000000000 
_pdbx_struct_oper_list.vector[3]            0.0000000000 
# 
_struct_biol.id   1 
# 
loop_
_struct_conn.id 
_struct_conn.conn_type_id 
_struct_conn.pdbx_leaving_atom_flag 
_struct_conn.pdbx_PDB_id 
_struct_conn.ptnr1_label_asym_id 
_struct_conn.ptnr1_label_comp_id 
_struct_conn.ptnr1_label_seq_id 
_struct_conn.ptnr1_label_atom_id 
_struct_conn.pdbx_ptnr1_label_alt_id 
_struct_conn.pdbx_ptnr1_PDB_ins_code 
_struct_conn.pdbx_ptnr1_standard_comp_id 
_struct_conn.ptnr1_symmetry 
_struct_conn.ptnr2_label_asym_id 
_struct_conn.ptnr2_label_comp_id 
_struct_conn.ptnr2_label_seq_id 
_struct_conn.ptnr2_label_atom_id 
_struct_conn.pdbx_ptnr2_label_alt_id 
_struct_conn.pdbx_ptnr2_PDB_ins_code 
_struct_conn.ptnr1_auth_asym_id 
_struct_conn.ptnr1_auth_comp_id 
_struct_conn.ptnr1_auth_seq_id 
_struct_conn.ptnr2_auth_asym_id 
_struct_conn.ptnr2_auth_comp_id 
_struct_conn.ptnr2_auth_seq_id 
_struct_conn.ptnr2_symmetry 
_struct_conn.pdbx_ptnr3_label_atom_id 
_struct_conn.pdbx_ptnr3_label_seq_id 
_struct_conn.pdbx_ptnr3_label_comp_id 
_struct_conn.pdbx_ptnr3_label_asym_id 
_struct_conn.pdbx_ptnr3_label_alt_id 
_struct_conn.pdbx_ptnr3_PDB_ins_code 
_struct_conn.details 
_struct_conn.pdbx_dist_value 
_struct_conn.pdbx_value_order 
_struct_conn.pdbx_role 
metalc1 metalc ? ? A BLM . NC  ? ? ? 1_555 B CO . CO ? ? A BLM 1 A CO 2 1_555 ? ? ? ? ? ? ? 1.993 ? ? 
metalc2 metalc ? ? A BLM . NG  ? ? ? 1_555 B CO . CO ? ? A BLM 1 A CO 2 1_555 ? ? ? ? ? ? ? 1.935 ? ? 
metalc3 metalc ? ? A BLM . O1  ? ? ? 1_555 B CO . CO ? ? A BLM 1 A CO 2 1_555 ? ? ? ? ? ? ? 4.352 ? ? 
metalc4 metalc ? ? A BLM . NA  ? ? ? 1_555 B CO . CO ? ? A BLM 1 A CO 2 1_555 ? ? ? ? ? ? ? 4.360 ? ? 
metalc5 metalc ? ? A BLM . NJ  ? ? ? 1_555 B CO . CO ? ? A BLM 1 A CO 2 1_555 ? ? ? ? ? ? ? 2.018 ? ? 
metalc6 metalc ? ? A BLM . NB  ? ? ? 1_555 B CO . CO ? ? A BLM 1 A CO 2 1_555 ? ? ? ? ? ? ? 2.008 ? ? 
metalc7 metalc ? ? A BLM . NH  ? ? ? 1_555 B CO . CO ? ? A BLM 1 A CO 2 1_555 ? ? ? ? ? ? ? 1.932 ? ? 
metalc8 metalc ? ? A BLM . O70 ? ? ? 1_555 B CO . CO ? ? A BLM 1 A CO 2 1_555 ? ? ? ? ? ? ? 1.961 ? ? 
# 
_struct_conn_type.id          metalc 
_struct_conn_type.criteria    ? 
_struct_conn_type.reference   ? 
# 
loop_
_pdbx_struct_conn_angle.id 
_pdbx_struct_conn_angle.ptnr1_label_atom_id 
_pdbx_struct_conn_angle.ptnr1_label_alt_id 
_pdbx_struct_conn_angle.ptnr1_label_asym_id 
_pdbx_struct_conn_angle.ptnr1_label_comp_id 
_pdbx_struct_conn_angle.ptnr1_label_seq_id 
_pdbx_struct_conn_angle.ptnr1_auth_atom_id 
_pdbx_struct_conn_angle.ptnr1_auth_asym_id 
_pdbx_struct_conn_angle.ptnr1_auth_comp_id 
_pdbx_struct_conn_angle.ptnr1_auth_seq_id 
_pdbx_struct_conn_angle.ptnr1_PDB_ins_code 
_pdbx_struct_conn_angle.ptnr1_symmetry 
_pdbx_struct_conn_angle.ptnr2_label_atom_id 
_pdbx_struct_conn_angle.ptnr2_label_alt_id 
_pdbx_struct_conn_angle.ptnr2_label_asym_id 
_pdbx_struct_conn_angle.ptnr2_label_comp_id 
_pdbx_struct_conn_angle.ptnr2_label_seq_id 
_pdbx_struct_conn_angle.ptnr2_auth_atom_id 
_pdbx_struct_conn_angle.ptnr2_auth_asym_id 
_pdbx_struct_conn_angle.ptnr2_auth_comp_id 
_pdbx_struct_conn_angle.ptnr2_auth_seq_id 
_pdbx_struct_conn_angle.ptnr2_PDB_ins_code 
_pdbx_struct_conn_angle.ptnr2_symmetry 
_pdbx_struct_conn_angle.ptnr3_label_atom_id 
_pdbx_struct_conn_angle.ptnr3_label_alt_id 
_pdbx_struct_conn_angle.ptnr3_label_asym_id 
_pdbx_struct_conn_angle.ptnr3_label_comp_id 
_pdbx_struct_conn_angle.ptnr3_label_seq_id 
_pdbx_struct_conn_angle.ptnr3_auth_atom_id 
_pdbx_struct_conn_angle.ptnr3_auth_asym_id 
_pdbx_struct_conn_angle.ptnr3_auth_comp_id 
_pdbx_struct_conn_angle.ptnr3_auth_seq_id 
_pdbx_struct_conn_angle.ptnr3_PDB_ins_code 
_pdbx_struct_conn_angle.ptnr3_symmetry 
_pdbx_struct_conn_angle.value 
_pdbx_struct_conn_angle.value_esd 
1  NC ? A BLM . ? A BLM 1 ? 1_555 CO ? B CO . ? A CO 2 ? 1_555 NG  ? A BLM . ? A BLM 1 ? 1_555 84.2  ? 
2  NC ? A BLM . ? A BLM 1 ? 1_555 CO ? B CO . ? A CO 2 ? 1_555 O1  ? A BLM . ? A BLM 1 ? 1_555 48.5  ? 
3  NG ? A BLM . ? A BLM 1 ? 1_555 CO ? B CO . ? A CO 2 ? 1_555 O1  ? A BLM . ? A BLM 1 ? 1_555 52.0  ? 
4  NC ? A BLM . ? A BLM 1 ? 1_555 CO ? B CO . ? A CO 2 ? 1_555 NA  ? A BLM . ? A BLM 1 ? 1_555 76.4  ? 
5  NG ? A BLM . ? A BLM 1 ? 1_555 CO ? B CO . ? A CO 2 ? 1_555 NA  ? A BLM . ? A BLM 1 ? 1_555 52.5  ? 
6  O1 ? A BLM . ? A BLM 1 ? 1_555 CO ? B CO . ? A CO 2 ? 1_555 NA  ? A BLM . ? A BLM 1 ? 1_555 29.3  ? 
7  NC ? A BLM . ? A BLM 1 ? 1_555 CO ? B CO . ? A CO 2 ? 1_555 NJ  ? A BLM . ? A BLM 1 ? 1_555 94.3  ? 
8  NG ? A BLM . ? A BLM 1 ? 1_555 CO ? B CO . ? A CO 2 ? 1_555 NJ  ? A BLM . ? A BLM 1 ? 1_555 178.3 ? 
9  O1 ? A BLM . ? A BLM 1 ? 1_555 CO ? B CO . ? A CO 2 ? 1_555 NJ  ? A BLM . ? A BLM 1 ? 1_555 126.4 ? 
10 NA ? A BLM . ? A BLM 1 ? 1_555 CO ? B CO . ? A CO 2 ? 1_555 NJ  ? A BLM . ? A BLM 1 ? 1_555 126.5 ? 
11 NC ? A BLM . ? A BLM 1 ? 1_555 CO ? B CO . ? A CO 2 ? 1_555 NB  ? A BLM . ? A BLM 1 ? 1_555 86.1  ? 
12 NG ? A BLM . ? A BLM 1 ? 1_555 CO ? B CO . ? A CO 2 ? 1_555 NB  ? A BLM . ? A BLM 1 ? 1_555 87.2  ? 
13 O1 ? A BLM . ? A BLM 1 ? 1_555 CO ? B CO . ? A CO 2 ? 1_555 NB  ? A BLM . ? A BLM 1 ? 1_555 55.0  ? 
14 NA ? A BLM . ? A BLM 1 ? 1_555 CO ? B CO . ? A CO 2 ? 1_555 NB  ? A BLM . ? A BLM 1 ? 1_555 35.7  ? 
15 NJ ? A BLM . ? A BLM 1 ? 1_555 CO ? B CO . ? A CO 2 ? 1_555 NB  ? A BLM . ? A BLM 1 ? 1_555 92.1  ? 
16 NC ? A BLM . ? A BLM 1 ? 1_555 CO ? B CO . ? A CO 2 ? 1_555 NH  ? A BLM . ? A BLM 1 ? 1_555 168.7 ? 
17 NG ? A BLM . ? A BLM 1 ? 1_555 CO ? B CO . ? A CO 2 ? 1_555 NH  ? A BLM . ? A BLM 1 ? 1_555 85.5  ? 
18 O1 ? A BLM . ? A BLM 1 ? 1_555 CO ? B CO . ? A CO 2 ? 1_555 NH  ? A BLM . ? A BLM 1 ? 1_555 120.8 ? 
19 NA ? A BLM . ? A BLM 1 ? 1_555 CO ? B CO . ? A CO 2 ? 1_555 NH  ? A BLM . ? A BLM 1 ? 1_555 93.7  ? 
20 NJ ? A BLM . ? A BLM 1 ? 1_555 CO ? B CO . ? A CO 2 ? 1_555 NH  ? A BLM . ? A BLM 1 ? 1_555 96.0  ? 
21 NB ? A BLM . ? A BLM 1 ? 1_555 CO ? B CO . ? A CO 2 ? 1_555 NH  ? A BLM . ? A BLM 1 ? 1_555 88.9  ? 
22 NC ? A BLM . ? A BLM 1 ? 1_555 CO ? B CO . ? A CO 2 ? 1_555 O70 ? A BLM . ? A BLM 1 ? 1_555 96.1  ? 
23 NG ? A BLM . ? A BLM 1 ? 1_555 CO ? B CO . ? A CO 2 ? 1_555 O70 ? A BLM . ? A BLM 1 ? 1_555 92.9  ? 
24 O1 ? A BLM . ? A BLM 1 ? 1_555 CO ? B CO . ? A CO 2 ? 1_555 O70 ? A BLM . ? A BLM 1 ? 1_555 126.5 ? 
25 NA ? A BLM . ? A BLM 1 ? 1_555 CO ? B CO . ? A CO 2 ? 1_555 O70 ? A BLM . ? A BLM 1 ? 1_555 144.8 ? 
26 NJ ? A BLM . ? A BLM 1 ? 1_555 CO ? B CO . ? A CO 2 ? 1_555 O70 ? A BLM . ? A BLM 1 ? 1_555 87.9  ? 
27 NB ? A BLM . ? A BLM 1 ? 1_555 CO ? B CO . ? A CO 2 ? 1_555 O70 ? A BLM . ? A BLM 1 ? 1_555 177.8 ? 
28 NH ? A BLM . ? A BLM 1 ? 1_555 CO ? B CO . ? A CO 2 ? 1_555 O70 ? A BLM . ? A BLM 1 ? 1_555 89.0  ? 
# 
loop_
_struct_site.id 
_struct_site.pdbx_evidence_code 
_struct_site.pdbx_auth_asym_id 
_struct_site.pdbx_auth_comp_id 
_struct_site.pdbx_auth_seq_id 
_struct_site.pdbx_auth_ins_code 
_struct_site.pdbx_num_residues 
_struct_site.details 
AC1 Software A BLM 1 ? 1 'BINDING SITE FOR RESIDUE BLM A 1' 
AC2 Software A CO  2 ? 1 'BINDING SITE FOR RESIDUE CO A 2'  
# 
loop_
_struct_site_gen.id 
_struct_site_gen.site_id 
_struct_site_gen.pdbx_num_res 
_struct_site_gen.label_comp_id 
_struct_site_gen.label_asym_id 
_struct_site_gen.label_seq_id 
_struct_site_gen.pdbx_auth_ins_code 
_struct_site_gen.auth_comp_id 
_struct_site_gen.auth_asym_id 
_struct_site_gen.auth_seq_id 
_struct_site_gen.label_atom_id 
_struct_site_gen.label_alt_id 
_struct_site_gen.symmetry 
_struct_site_gen.details 
1 AC1 1 CO  B . ? CO  A 2 . ? 1_555 ? 
2 AC2 1 BLM A . ? BLM A 1 . ? 1_555 ? 
# 
_pdbx_nmr_ensemble.entry_id                             1DEY 
_pdbx_nmr_ensemble.conformers_calculated_total_number   ? 
_pdbx_nmr_ensemble.conformers_submitted_total_number    1 
_pdbx_nmr_ensemble.conformer_selection_criteria         ? 
# 
loop_
_pdbx_nmr_sample_details.solution_id 
_pdbx_nmr_sample_details.contents 
_pdbx_nmr_sample_details.solvent_system 
1 '10mM Co(II)-BLM, 100% D2O, 50mM NaOD to adjust pH to 6.5'         '100% D2O'        
2 '10mM Co(II)-BLM, 90% H2O, 10% D2O, 50mM NaOH to adjust pH to 6.5' '90% H2O/10% D2O' 
# 
loop_
_pdbx_nmr_exptl_sample_conditions.conditions_id 
_pdbx_nmr_exptl_sample_conditions.temperature 
_pdbx_nmr_exptl_sample_conditions.pressure 
_pdbx_nmr_exptl_sample_conditions.pH 
_pdbx_nmr_exptl_sample_conditions.ionic_strength 
_pdbx_nmr_exptl_sample_conditions.pressure_units 
_pdbx_nmr_exptl_sample_conditions.temperature_units 
1 298 ambient 6.5 ? ? K 
2 298 ambient 6.5 ? ? K 
# 
loop_
_pdbx_nmr_exptl.experiment_id 
_pdbx_nmr_exptl.solution_id 
_pdbx_nmr_exptl.conditions_id 
_pdbx_nmr_exptl.type 
1 1 1 '2D-COSY, 2D-TOCSY, 2D-HMQC, T1 measument' 
2 2 2 '2D-COSY, 2D-TOCSY, 2D-HMQC, T1 measument' 
# 
_pdbx_nmr_details.entry_id   1DEY 
_pdbx_nmr_details.text       'This structure was determined using standard 2D homonuclear techniques and T1 measuments' 
# 
_pdbx_nmr_refine.entry_id           1DEY 
_pdbx_nmr_refine.method             'molecular dynamics, simulated annealing' 
_pdbx_nmr_refine.details            'the structures are based on a total of 31 T1-derived distance constraints' 
_pdbx_nmr_refine.software_ordinal   1 
# 
loop_
_pdbx_nmr_software.name 
_pdbx_nmr_software.version 
_pdbx_nmr_software.classification 
_pdbx_nmr_software.authors 
_pdbx_nmr_software.ordinal 
DISCOVER_3 97.0 'structure solution' Biosym/MSI 1 
DISCOVER_3 97.0 refinement           Biosym/MSI 2 
# 
loop_
_chem_comp_atom.comp_id 
_chem_comp_atom.atom_id 
_chem_comp_atom.type_symbol 
_chem_comp_atom.pdbx_aromatic_flag 
_chem_comp_atom.pdbx_stereo_config 
_chem_comp_atom.pdbx_ordinal 
BLM NA   N  N N 1   
BLM C2   C  N S 2   
BLM C1   C  N N 3   
BLM O1   O  N N 4   
BLM NC   N  N N 5   
BLM C3   C  N N 6   
BLM NB   N  N N 7   
BLM ND   N  N N 8   
BLM C5   C  N N 9   
BLM C4   C  N N 10  
BLM O4   O  N N 11  
BLM C8   C  Y N 12  
BLM C9   C  Y N 13  
BLM C10  C  Y N 14  
BLM NG   N  Y N 15  
BLM C7   C  Y N 16  
BLM NE   N  Y N 17  
BLM C6   C  N S 18  
BLM NF   N  N N 19  
BLM CA   C  N N 20  
BLM C12  C  N N 21  
BLM O12  O  N N 22  
BLM NH   N  N N 23  
BLM C13  C  N S 24  
BLM C30  C  N N 25  
BLM O30  O  N N 26  
BLM C14  C  N R 27  
BLM C27  C  Y N 28  
BLM OH1  O  N N 29  
BLM NJ   N  Y N 30  
BLM C28  C  Y N 31  
BLM C29  C  Y N 32  
BLM NI   N  Y N 33  
BLM NK   N  N N 34  
BLM C34  C  N S 35  
BLM C36  C  N N 36  
BLM O36  O  N N 37  
BLM OH2  O  N N 38  
BLM C31  C  N R 39  
BLM CB   C  N N 40  
BLM C33  C  N S 41  
BLM CC   C  N N 42  
BLM NL   N  N N 43  
BLM C37  C  N S 44  
BLM C40  C  N N 45  
BLM O40  O  N N 46  
BLM C38  C  N R 47  
BLM OH3  O  N N 48  
BLM CD   C  N N 49  
BLM NM   N  N N 50  
BLM C42  C  N N 51  
BLM C49  C  N N 52  
BLM O49  O  N N 53  
BLM C43  C  Y N 54  
BLM C41  C  N N 55  
BLM S43  S  Y N 56  
BLM C44  C  Y N 57  
BLM C45  C  Y N 58  
BLM NN   N  Y N 59  
BLM C47  C  Y N 60  
BLM C48  C  Y N 61  
BLM NO   N  Y N 62  
BLM C46  C  Y N 63  
BLM S46  S  Y N 64  
BLM NP   N  N N 65  
BLM C50  C  N N 66  
BLM C51  C  N N 67  
BLM C52  C  N N 68  
BLM S53  S  N N 69  
BLM C55  C  N N 70  
BLM C54  C  N N 71  
BLM O59  O  N N 72  
BLM O58  O  N N 73  
BLM C61  C  N N 74  
BLM O61  O  N N 75  
BLM O56  O  N N 76  
BLM C60  C  N S 77  
BLM O62  O  N N 78  
BLM C63  C  N R 79  
BLM C57  C  N S 80  
BLM C58  C  N S 81  
BLM C59  C  N S 82  
BLM C69  C  N S 83  
BLM C68  C  N S 84  
BLM C67  C  N R 85  
BLM C65  C  N R 86  
BLM O64  O  N N 87  
BLM C64  C  N R 88  
BLM O68  O  N N 89  
BLM O67  O  N N 90  
BLM O69  O  N N 91  
BLM NQ   N  N N 92  
BLM C70  C  N N 93  
BLM O70  O  N N 94  
BLM O66  O  N N 95  
BLM C66  C  N N 96  
BLM HA2  H  N N 97  
BLM HA1  H  N N 98  
BLM H2   H  N N 99  
BLM HNC  H  N N 100 
BLM H3E  H  N N 101 
BLM H3X  H  N N 102 
BLM HB1  H  N N 103 
BLM HB2  H  N N 104 
BLM HD2  H  N N 105 
BLM HD1  H  N N 106 
BLM H5E  H  N N 107 
BLM H5X  H  N N 108 
BLM H6   H  N N 109 
BLM HF2  H  N N 110 
BLM HF1  H  N N 111 
BLM HAA  H  N N 112 
BLM HAB  H  N N 113 
BLM HAC  H  N N 114 
BLM HNH  H  N N 115 
BLM H13  H  N N 116 
BLM H14  H  N N 117 
BLM H28  H  N N 118 
BLM H29  H  N N 119 
BLM HNI  H  N N 120 
BLM HNK  H  N N 121 
BLM H34  H  N N 122 
BLM HO2  H  N N 123 
BLM H31  H  N N 124 
BLM HBA  H  N N 125 
BLM HBB  H  N N 126 
BLM HBC  H  N N 127 
BLM H33  H  N N 128 
BLM HCB  H  N N 129 
BLM HCC  H  N N 130 
BLM HCA  H  N N 131 
BLM HNL  H  N N 132 
BLM H37  H  N N 133 
BLM H38  H  N N 134 
BLM HO3  H  N N 135 
BLM HDB  H  N N 136 
BLM HDC  H  N N 137 
BLM HDA  H  N N 138 
BLM HNM  H  N N 139 
BLM H2E  H  N N 140 
BLM H2X  H  N N 141 
BLM H1E  H  N N 142 
BLM H1X  H  N N 143 
BLM H44  H  N N 144 
BLM H47  H  N N 145 
BLM HNP  H  N N 146 
BLM H501 H  N N 147 
BLM H502 H  N N 148 
BLM H511 H  N N 149 
BLM H512 H  N N 150 
BLM H521 H  N N 151 
BLM H522 H  N N 152 
BLM H53  H  N N 153 
BLM H551 H  N N 154 
BLM H552 H  N N 155 
BLM H553 H  N N 156 
BLM H541 H  N N 157 
BLM H542 H  N N 158 
BLM H543 H  N N 159 
BLM HO59 H  N N 160 
BLM HO58 H  N N 161 
BLM H611 H  N N 162 
BLM H612 H  N N 163 
BLM HO61 H  N N 164 
BLM H60  H  N N 165 
BLM H63  H  N N 166 
BLM H57  H  N N 167 
BLM H58  H  N N 168 
BLM H59  H  N N 169 
BLM H69  H  N N 170 
BLM H68  H  N N 171 
BLM H67  H  N N 172 
BLM H65  H  N N 173 
BLM H64  H  N N 174 
BLM HO67 H  N N 175 
BLM HO69 H  N N 176 
BLM HNQ1 H  N N 177 
BLM HNQ2 H  N N 178 
BLM HO66 H  N N 179 
BLM H661 H  N N 180 
BLM H662 H  N N 181 
CO  CO   CO N N 182 
# 
loop_
_chem_comp_bond.comp_id 
_chem_comp_bond.atom_id_1 
_chem_comp_bond.atom_id_2 
_chem_comp_bond.value_order 
_chem_comp_bond.pdbx_aromatic_flag 
_chem_comp_bond.pdbx_stereo_config 
_chem_comp_bond.pdbx_ordinal 
BLM NA  C1   sing N N 1   
BLM NA  HA2  sing N N 2   
BLM NA  HA1  sing N N 3   
BLM C2  C1   sing N N 4   
BLM C2  C3   sing N N 5   
BLM C2  NB   sing N N 6   
BLM C2  H2   sing N N 7   
BLM C1  O1   doub N N 8   
BLM NC  C3   sing N N 9   
BLM NC  C6   sing N N 10  
BLM NC  HNC  sing N N 11  
BLM C3  H3E  sing N N 12  
BLM C3  H3X  sing N N 13  
BLM NB  HB1  sing N N 14  
BLM NB  HB2  sing N N 15  
BLM ND  C4   sing N N 16  
BLM ND  HD2  sing N N 17  
BLM ND  HD1  sing N N 18  
BLM C5  C4   sing N N 19  
BLM C5  C6   sing N N 20  
BLM C5  H5E  sing N N 21  
BLM C5  H5X  sing N N 22  
BLM C4  O4   doub N N 23  
BLM C8  C9   doub Y N 24  
BLM C8  NE   sing Y N 25  
BLM C8  NF   sing N N 26  
BLM C9  C10  sing Y N 27  
BLM C9  CA   sing N N 28  
BLM C10 NG   doub Y N 29  
BLM C10 C12  sing N N 30  
BLM NG  C7   sing Y N 31  
BLM C7  NE   doub Y N 32  
BLM C7  C6   sing N N 33  
BLM C6  H6   sing N N 34  
BLM NF  HF2  sing N N 35  
BLM NF  HF1  sing N N 36  
BLM CA  HAA  sing N N 37  
BLM CA  HAB  sing N N 38  
BLM CA  HAC  sing N N 39  
BLM C12 O12  doub N N 40  
BLM C12 NH   sing N N 41  
BLM NH  C13  sing N N 42  
BLM NH  HNH  sing N N 43  
BLM C13 C30  sing N N 44  
BLM C13 C14  sing N N 45  
BLM C13 H13  sing N N 46  
BLM C30 O30  doub N N 47  
BLM C30 NK   sing N N 48  
BLM C14 C27  sing N N 49  
BLM C14 OH1  sing N N 50  
BLM C14 H14  sing N N 51  
BLM C27 NJ   sing Y N 52  
BLM C27 C28  doub Y N 53  
BLM OH1 C63  sing N N 54  
BLM NJ  C29  doub Y N 55  
BLM C28 NI   sing Y N 56  
BLM C28 H28  sing N N 57  
BLM C29 NI   sing Y N 58  
BLM C29 H29  sing N N 59  
BLM NI  HNI  sing N N 60  
BLM NK  C31  sing N N 61  
BLM NK  HNK  sing N N 62  
BLM C34 C36  sing N N 63  
BLM C34 C33  sing N N 64  
BLM C34 CC   sing N N 65  
BLM C34 H34  sing N N 66  
BLM C36 O36  doub N N 67  
BLM C36 NL   sing N N 68  
BLM OH2 C33  sing N N 69  
BLM OH2 HO2  sing N N 70  
BLM C31 CB   sing N N 71  
BLM C31 C33  sing N N 72  
BLM C31 H31  sing N N 73  
BLM CB  HBA  sing N N 74  
BLM CB  HBB  sing N N 75  
BLM CB  HBC  sing N N 76  
BLM C33 H33  sing N N 77  
BLM CC  HCB  sing N N 78  
BLM CC  HCC  sing N N 79  
BLM CC  HCA  sing N N 80  
BLM NL  C37  sing N N 81  
BLM NL  HNL  sing N N 82  
BLM C37 C40  sing N N 83  
BLM C37 C38  sing N N 84  
BLM C37 H37  sing N N 85  
BLM C40 O40  doub N N 86  
BLM C40 NM   sing N N 87  
BLM C38 OH3  sing N N 88  
BLM C38 CD   sing N N 89  
BLM C38 H38  sing N N 90  
BLM OH3 HO3  sing N N 91  
BLM CD  HDB  sing N N 92  
BLM CD  HDC  sing N N 93  
BLM CD  HDA  sing N N 94  
BLM NM  C41  sing N N 95  
BLM NM  HNM  sing N N 96  
BLM C42 C43  sing N N 97  
BLM C42 C41  sing N N 98  
BLM C42 H2E  sing N N 99  
BLM C42 H2X  sing N N 100 
BLM C49 O49  doub N N 101 
BLM C49 C48  sing N N 102 
BLM C49 NP   sing N N 103 
BLM C43 S43  sing Y N 104 
BLM C43 NN   doub Y N 105 
BLM C41 H1E  sing N N 106 
BLM C41 H1X  sing N N 107 
BLM S43 C44  sing Y N 108 
BLM C44 C45  doub Y N 109 
BLM C44 H44  sing N N 110 
BLM C45 NN   sing Y N 111 
BLM C45 C46  sing Y N 112 
BLM C47 C48  doub Y N 113 
BLM C47 S46  sing Y N 114 
BLM C47 H47  sing N N 115 
BLM C48 NO   sing Y N 116 
BLM NO  C46  doub Y N 117 
BLM C46 S46  sing Y N 118 
BLM NP  C50  sing N N 119 
BLM NP  HNP  sing N N 120 
BLM C50 C51  sing N N 121 
BLM C50 H501 sing N N 122 
BLM C50 H502 sing N N 123 
BLM C51 C52  sing N N 124 
BLM C51 H511 sing N N 125 
BLM C51 H512 sing N N 126 
BLM C52 S53  sing N N 127 
BLM C52 H521 sing N N 128 
BLM C52 H522 sing N N 129 
BLM S53 C55  sing N N 130 
BLM S53 C54  sing N N 131 
BLM S53 H53  sing N N 132 
BLM C55 H551 sing N N 133 
BLM C55 H552 sing N N 134 
BLM C55 H553 sing N N 135 
BLM C54 H541 sing N N 136 
BLM C54 H542 sing N N 137 
BLM C54 H543 sing N N 138 
BLM O59 C59  sing N N 139 
BLM O59 HO59 sing N N 140 
BLM O58 C58  sing N N 141 
BLM O58 HO58 sing N N 142 
BLM C61 O61  sing N N 143 
BLM C61 C60  sing N N 144 
BLM C61 H611 sing N N 145 
BLM C61 H612 sing N N 146 
BLM O61 HO61 sing N N 147 
BLM O56 C57  sing N N 148 
BLM O56 C64  sing N N 149 
BLM C60 O62  sing N N 150 
BLM C60 C59  sing N N 151 
BLM C60 H60  sing N N 152 
BLM O62 C63  sing N N 153 
BLM C63 C57  sing N N 154 
BLM C63 H63  sing N N 155 
BLM C57 C58  sing N N 156 
BLM C57 H57  sing N N 157 
BLM C58 C59  sing N N 158 
BLM C58 H58  sing N N 159 
BLM C59 H59  sing N N 160 
BLM C69 C68  sing N N 161 
BLM C69 C64  sing N N 162 
BLM C69 O69  sing N N 163 
BLM C69 H69  sing N N 164 
BLM C68 C67  sing N N 165 
BLM C68 O68  sing N N 166 
BLM C68 H68  sing N N 167 
BLM C67 C65  sing N N 168 
BLM C67 O67  sing N N 169 
BLM C67 H67  sing N N 170 
BLM C65 O64  sing N N 171 
BLM C65 C66  sing N N 172 
BLM C65 H65  sing N N 173 
BLM O64 C64  sing N N 174 
BLM C64 H64  sing N N 175 
BLM O68 C70  sing N N 176 
BLM O67 HO67 sing N N 177 
BLM O69 HO69 sing N N 178 
BLM NQ  C70  sing N N 179 
BLM NQ  HNQ1 sing N N 180 
BLM NQ  HNQ2 sing N N 181 
BLM C70 O70  doub N N 182 
BLM O66 C66  sing N N 183 
BLM O66 HO66 sing N N 184 
BLM C66 H661 sing N N 185 
BLM C66 H662 sing N N 186 
# 
loop_
_pdbx_nmr_spectrometer.spectrometer_id 
_pdbx_nmr_spectrometer.type 
_pdbx_nmr_spectrometer.manufacturer 
_pdbx_nmr_spectrometer.model 
_pdbx_nmr_spectrometer.field_strength 
1 ? Varian VXR500 500 
2 ? Varian VXR300 300 
3 ? Bruker AMX360 360 
# 
_atom_sites.entry_id                    1DEY 
_atom_sites.fract_transf_matrix[1][1]   1.000000 
_atom_sites.fract_transf_matrix[1][2]   0.000000 
_atom_sites.fract_transf_matrix[1][3]   0.000000 
_atom_sites.fract_transf_matrix[2][1]   0.000000 
_atom_sites.fract_transf_matrix[2][2]   1.000000 
_atom_sites.fract_transf_matrix[2][3]   0.000000 
_atom_sites.fract_transf_matrix[3][1]   0.000000 
_atom_sites.fract_transf_matrix[3][2]   0.000000 
_atom_sites.fract_transf_matrix[3][3]   1.000000 
_atom_sites.fract_transf_vector[1]      0.00000 
_atom_sites.fract_transf_vector[2]      0.00000 
_atom_sites.fract_transf_vector[3]      0.00000 
# 
loop_
_atom_type.symbol 
C  
CO 
H  
N  
O  
S  
# 
loop_
_atom_site.group_PDB 
_atom_site.id 
_atom_site.type_symbol 
_atom_site.label_atom_id 
_atom_site.label_alt_id 
_atom_site.label_comp_id 
_atom_site.label_asym_id 
_atom_site.label_entity_id 
_atom_site.label_seq_id 
_atom_site.pdbx_PDB_ins_code 
_atom_site.Cartn_x 
_atom_site.Cartn_y 
_atom_site.Cartn_z 
_atom_site.occupancy 
_atom_site.B_iso_or_equiv 
_atom_site.pdbx_formal_charge 
_atom_site.auth_seq_id 
_atom_site.auth_comp_id 
_atom_site.auth_asym_id 
_atom_site.auth_atom_id 
_atom_site.pdbx_PDB_model_num 
HETATM 1   N  NA   . BLM A 1 . ? 2.403  -3.175  -3.467 1.00 0.00 ? 1 BLM A NA   1 
HETATM 2   C  C2   . BLM A 1 . ? 2.177  -5.372  -2.528 1.00 0.00 ? 1 BLM A C2   1 
HETATM 3   C  C1   . BLM A 1 . ? 1.683  -4.273  -3.450 1.00 0.00 ? 1 BLM A C1   1 
HETATM 4   O  O1   . BLM A 1 . ? 0.699  -4.391  -4.158 1.00 0.00 ? 1 BLM A O1   1 
HETATM 5   N  NC   . BLM A 1 . ? 0.122  -6.235  -1.387 1.00 0.00 ? 1 BLM A NC   1 
HETATM 6   C  C3   . BLM A 1 . ? 1.215  -6.569  -2.334 1.00 0.00 ? 1 BLM A C3   1 
HETATM 7   N  NB   . BLM A 1 . ? 2.541  -4.995  -1.124 1.00 0.00 ? 1 BLM A NB   1 
HETATM 8   N  ND   . BLM A 1 . ? -2.727 -8.062  -0.384 1.00 0.00 ? 1 BLM A ND   1 
HETATM 9   C  C5   . BLM A 1 . ? -2.315 -5.979  -1.489 1.00 0.00 ? 1 BLM A C5   1 
HETATM 10  C  C4   . BLM A 1 . ? -2.405 -7.481  -1.524 1.00 0.00 ? 1 BLM A C4   1 
HETATM 11  O  O4   . BLM A 1 . ? -2.157 -8.127  -2.532 1.00 0.00 ? 1 BLM A O4   1 
HETATM 12  C  C8   . BLM A 1 . ? -1.087 -1.617  -1.761 1.00 0.00 ? 1 BLM A C8   1 
HETATM 13  C  C9   . BLM A 1 . ? -0.151 -1.388  -0.576 1.00 0.00 ? 1 BLM A C9   1 
HETATM 14  C  C10  . BLM A 1 . ? 0.491  -2.460  -0.075 1.00 0.00 ? 1 BLM A C10  1 
HETATM 15  N  NG   . BLM A 1 . ? 0.189  -3.679  -0.760 1.00 0.00 ? 1 BLM A NG   1 
HETATM 16  C  C7   . BLM A 1 . ? -0.670 -3.903  -1.673 1.00 0.00 ? 1 BLM A C7   1 
HETATM 17  N  NE   . BLM A 1 . ? -1.350 -2.777  -2.273 1.00 0.00 ? 1 BLM A NE   1 
HETATM 18  C  C6   . BLM A 1 . ? -0.967 -5.397  -1.965 1.00 0.00 ? 1 BLM A C6   1 
HETATM 19  N  NF   . BLM A 1 . ? -1.723 -0.493  -2.310 1.00 0.00 ? 1 BLM A NF   1 
HETATM 20  C  CA   . BLM A 1 . ? 0.000  0.000   0.000  1.00 0.00 ? 1 BLM A CA   1 
HETATM 21  C  C12  . BLM A 1 . ? 1.411  -2.644  1.125  1.00 0.00 ? 1 BLM A C12  1 
HETATM 22  O  O12  . BLM A 1 . ? 1.776  -1.710  1.825  1.00 0.00 ? 1 BLM A O12  1 
HETATM 23  N  NH   . BLM A 1 . ? 1.777  -3.948  1.312  1.00 0.00 ? 1 BLM A NH   1 
HETATM 24  C  C13  . BLM A 1 . ? 2.754  -4.220  2.443  1.00 0.00 ? 1 BLM A C13  1 
HETATM 25  C  C30  . BLM A 1 . ? 4.241  -4.201  2.139  1.00 0.00 ? 1 BLM A C30  1 
HETATM 26  O  O30  . BLM A 1 . ? 5.072  -4.373  3.027  1.00 0.00 ? 1 BLM A O30  1 
HETATM 27  C  C14  . BLM A 1 . ? 2.494  -5.572  3.146  1.00 0.00 ? 1 BLM A C14  1 
HETATM 28  C  C27  . BLM A 1 . ? 2.410  -6.786  2.249  1.00 0.00 ? 1 BLM A C27  1 
HETATM 29  O  OH1  . BLM A 1 . ? 1.381  -5.509  4.045  1.00 0.00 ? 1 BLM A OH1  1 
HETATM 30  N  NJ   . BLM A 1 . ? 1.782  -6.861  0.958  1.00 0.00 ? 1 BLM A NJ   1 
HETATM 31  C  C28  . BLM A 1 . ? 2.845  -8.019  2.504  1.00 0.00 ? 1 BLM A C28  1 
HETATM 32  C  C29  . BLM A 1 . ? 1.702  -8.102  0.629  1.00 0.00 ? 1 BLM A C29  1 
HETATM 33  N  NI   . BLM A 1 . ? 2.388  -8.877  1.537  1.00 0.00 ? 1 BLM A NI   1 
HETATM 34  N  NK   . BLM A 1 . ? 4.556  -4.065  0.847  1.00 0.00 ? 1 BLM A NK   1 
HETATM 35  C  C34  . BLM A 1 . ? 5.492  -6.763  -0.433 1.00 0.00 ? 1 BLM A C34  1 
HETATM 36  C  C36  . BLM A 1 . ? 5.417  -7.614  -1.688 1.00 0.00 ? 1 BLM A C36  1 
HETATM 37  O  O36  . BLM A 1 . ? 6.330  -7.609  -2.505 1.00 0.00 ? 1 BLM A O36  1 
HETATM 38  O  OH2  . BLM A 1 . ? 7.316  -5.457  -1.254 1.00 0.00 ? 1 BLM A OH2  1 
HETATM 39  C  C31  . BLM A 1 . ? 5.910  -4.237  0.301  1.00 0.00 ? 1 BLM A C31  1 
HETATM 40  C  CB   . BLM A 1 . ? 6.345  -2.853  -0.200 1.00 0.00 ? 1 BLM A CB   1 
HETATM 41  C  C33  . BLM A 1 . ? 5.980  -5.334  -0.795 1.00 0.00 ? 1 BLM A C33  1 
HETATM 42  C  CC   . BLM A 1 . ? 6.327  -7.446  0.672  1.00 0.00 ? 1 BLM A CC   1 
HETATM 43  N  NL   . BLM A 1 . ? 4.289  -8.322  -1.860 1.00 0.00 ? 1 BLM A NL   1 
HETATM 44  C  C37  . BLM A 1 . ? 3.953  -9.012  -3.139 1.00 0.00 ? 1 BLM A C37  1 
HETATM 45  C  C40  . BLM A 1 . ? 3.616  -8.072  -4.287 1.00 0.00 ? 1 BLM A C40  1 
HETATM 46  O  O40  . BLM A 1 . ? 2.476  -7.911  -4.711 1.00 0.00 ? 1 BLM A O40  1 
HETATM 47  C  C38  . BLM A 1 . ? 2.901  -10.115 -2.896 1.00 0.00 ? 1 BLM A C38  1 
HETATM 48  O  OH3  . BLM A 1 . ? 1.754  -9.610  -2.231 1.00 0.00 ? 1 BLM A OH3  1 
HETATM 49  C  CD   . BLM A 1 . ? 3.456  -11.267 -2.063 1.00 0.00 ? 1 BLM A CD   1 
HETATM 50  N  NM   . BLM A 1 . ? 4.674  -7.407  -4.762 1.00 0.00 ? 1 BLM A NM   1 
HETATM 51  C  C42  . BLM A 1 . ? 5.916  -5.811  -6.214 1.00 0.00 ? 1 BLM A C42  1 
HETATM 52  C  C49  . BLM A 1 . ? 2.074  0.225   -3.826 1.00 0.00 ? 1 BLM A C49  1 
HETATM 53  O  O49  . BLM A 1 . ? 1.393  -0.518  -4.532 1.00 0.00 ? 1 BLM A O49  1 
HETATM 54  C  C43  . BLM A 1 . ? 6.235  -4.672  -5.277 1.00 0.00 ? 1 BLM A C43  1 
HETATM 55  C  C41  . BLM A 1 . ? 4.588  -6.520  -5.928 1.00 0.00 ? 1 BLM A C41  1 
HETATM 56  S  S43  . BLM A 1 . ? 7.770  -4.608  -4.492 1.00 0.00 ? 1 BLM A S43  1 
HETATM 57  C  C44  . BLM A 1 . ? 7.326  -3.121  -3.755 1.00 0.00 ? 1 BLM A C44  1 
HETATM 58  C  C45  . BLM A 1 . ? 6.104  -2.723  -4.114 1.00 0.00 ? 1 BLM A C45  1 
HETATM 59  N  NN   . BLM A 1 . ? 5.482  -3.678  -5.001 1.00 0.00 ? 1 BLM A NN   1 
HETATM 60  C  C47  . BLM A 1 . ? 4.429  0.530   -2.754 1.00 0.00 ? 1 BLM A C47  1 
HETATM 61  C  C48  . BLM A 1 . ? 3.515  -0.087  -3.517 1.00 0.00 ? 1 BLM A C48  1 
HETATM 62  N  NO   . BLM A 1 . ? 4.096  -1.281  -4.093 1.00 0.00 ? 1 BLM A NO   1 
HETATM 63  C  C46  . BLM A 1 . ? 5.300  -1.531  -3.744 1.00 0.00 ? 1 BLM A C46  1 
HETATM 64  S  S46  . BLM A 1 . ? 5.941  -0.291  -2.735 1.00 0.00 ? 1 BLM A S46  1 
HETATM 65  N  NP   . BLM A 1 . ? 1.580  1.348   -3.279 1.00 0.00 ? 1 BLM A NP   1 
HETATM 66  C  C50  . BLM A 1 . ? 0.258  1.902   -3.611 1.00 0.00 ? 1 BLM A C50  1 
HETATM 67  C  C51  . BLM A 1 . ? -0.321 2.780   -2.492 1.00 0.00 ? 1 BLM A C51  1 
HETATM 68  C  C52  . BLM A 1 . ? -1.782 3.200   -2.739 1.00 0.00 ? 1 BLM A C52  1 
HETATM 69  S  S53  . BLM A 1 . ? -2.397 4.274   -1.399 1.00 0.00 ? 1 BLM A S53  1 
HETATM 70  C  C55  . BLM A 1 . ? -2.977 3.016   -0.217 1.00 0.00 ? 1 BLM A C55  1 
HETATM 71  C  C54  . BLM A 1 . ? -3.999 4.737   -2.124 1.00 0.00 ? 1 BLM A C54  1 
HETATM 72  O  O59  . BLM A 1 . ? 1.102  -7.465  8.215  1.00 0.00 ? 1 BLM A O59  1 
HETATM 73  O  O58  . BLM A 1 . ? -0.755 -7.013  5.063  1.00 0.00 ? 1 BLM A O58  1 
HETATM 74  C  C61  . BLM A 1 . ? 2.999  -8.759  6.350  1.00 0.00 ? 1 BLM A C61  1 
HETATM 75  O  O61  . BLM A 1 . ? 2.444  -10.047 6.536  1.00 0.00 ? 1 BLM A O61  1 
HETATM 76  O  O56  . BLM A 1 . ? -0.221 -4.047  6.102  1.00 0.00 ? 1 BLM A O56  1 
HETATM 77  C  C60  . BLM A 1 . ? 1.959  -7.725  5.927  1.00 0.00 ? 1 BLM A C60  1 
HETATM 78  O  O62  . BLM A 1 . ? 2.576  -6.432  5.836  1.00 0.00 ? 1 BLM A O62  1 
HETATM 79  C  C63  . BLM A 1 . ? 1.707  -5.368  5.432  1.00 0.00 ? 1 BLM A C63  1 
HETATM 80  C  C57  . BLM A 1 . ? 0.467  -5.288  6.342  1.00 0.00 ? 1 BLM A C57  1 
HETATM 81  C  C58  . BLM A 1 . ? -0.269 -6.642  6.352  1.00 0.00 ? 1 BLM A C58  1 
HETATM 82  C  C59  . BLM A 1 . ? 0.729  -7.701  6.854  1.00 0.00 ? 1 BLM A C59  1 
HETATM 83  C  C69  . BLM A 1 . ? -2.452 -4.372  5.086  1.00 0.00 ? 1 BLM A C69  1 
HETATM 84  C  C68  . BLM A 1 . ? -1.754 -3.919  3.806  1.00 0.00 ? 1 BLM A C68  1 
HETATM 85  C  C67  . BLM A 1 . ? -1.960 -2.395  3.688  1.00 0.00 ? 1 BLM A C67  1 
HETATM 86  C  C65  . BLM A 1 . ? -1.456 -1.676  4.971  1.00 0.00 ? 1 BLM A C65  1 
HETATM 87  O  O64  . BLM A 1 . ? -1.802 -2.343  6.201  1.00 0.00 ? 1 BLM A O64  1 
HETATM 88  C  C64  . BLM A 1 . ? -1.626 -3.769  6.235  1.00 0.00 ? 1 BLM A C64  1 
HETATM 89  O  O68  . BLM A 1 . ? -2.191 -4.723  2.687  1.00 0.00 ? 1 BLM A O68  1 
HETATM 90  O  O67  . BLM A 1 . ? -1.326 -1.833  2.541  1.00 0.00 ? 1 BLM A O67  1 
HETATM 91  O  O69  . BLM A 1 . ? -3.830 -3.962  5.113  1.00 0.00 ? 1 BLM A O69  1 
HETATM 92  N  NQ   . BLM A 1 . ? -1.982 -3.754  0.788  1.00 0.00 ? 1 BLM A NQ   1 
HETATM 93  C  C70  . BLM A 1 . ? -1.488 -4.677  1.578  1.00 0.00 ? 1 BLM A C70  1 
HETATM 94  O  O70  . BLM A 1 . ? -0.528 -5.404  1.357  1.00 0.00 ? 1 BLM A O70  1 
HETATM 95  O  O66  . BLM A 1 . ? -1.705 0.508   3.842  1.00 0.00 ? 1 BLM A O66  1 
HETATM 96  C  C66  . BLM A 1 . ? -1.978 -0.229  5.035  1.00 0.00 ? 1 BLM A C66  1 
HETATM 97  H  HA2  . BLM A 1 . ? 2.062  -2.445  -4.059 1.00 0.00 ? 1 BLM A HA2  1 
HETATM 98  H  HA1  . BLM A 1 . ? 3.352  -3.155  -3.173 1.00 0.00 ? 1 BLM A HA1  1 
HETATM 99  H  H2   . BLM A 1 . ? 3.077  -5.749  -3.052 1.00 0.00 ? 1 BLM A H2   1 
HETATM 100 H  HNC  . BLM A 1 . ? -0.241 -7.070  -0.958 1.00 0.00 ? 1 BLM A HNC  1 
HETATM 101 H  H3E  . BLM A 1 . ? 1.810  -7.386  -1.908 1.00 0.00 ? 1 BLM A H3E  1 
HETATM 102 H  H3X  . BLM A 1 . ? 0.802  -6.954  -3.288 1.00 0.00 ? 1 BLM A H3X  1 
HETATM 103 H  HB1  . BLM A 1 . ? 3.245  -5.585  -0.721 1.00 0.00 ? 1 BLM A HB1  1 
HETATM 104 H  HB2  . BLM A 1 . ? 2.844  -4.039  -1.055 1.00 0.00 ? 1 BLM A HB2  1 
HETATM 105 H  HD2  . BLM A 1 . ? -2.769 -9.060  -0.359 1.00 0.00 ? 1 BLM A HD2  1 
HETATM 106 H  HD1  . BLM A 1 . ? -2.949 -7.513  0.421  1.00 0.00 ? 1 BLM A HD1  1 
HETATM 107 H  H5E  . BLM A 1 . ? -3.124 -5.553  -2.099 1.00 0.00 ? 1 BLM A H5E  1 
HETATM 108 H  H5X  . BLM A 1 . ? -2.525 -5.663  -0.463 1.00 0.00 ? 1 BLM A H5X  1 
HETATM 109 H  H6   . BLM A 1 . ? -0.994 -5.534  -3.067 1.00 0.00 ? 1 BLM A H6   1 
HETATM 110 H  HF2  . BLM A 1 . ? -1.686 -0.444  -3.319 1.00 0.00 ? 1 BLM A HF2  1 
HETATM 111 H  HF1  . BLM A 1 . ? -2.648 -0.295  -1.939 1.00 0.00 ? 1 BLM A HF1  1 
HETATM 112 H  HAA  . BLM A 1 . ? 0.318  0.549   -0.373 1.00 0.00 ? 1 BLM A HAA  1 
HETATM 113 H  HAB  . BLM A 1 . ? -0.584 0.415   0.220  1.00 0.00 ? 1 BLM A HAB  1 
HETATM 114 H  HAC  . BLM A 1 . ? 0.378  0.156   0.620  1.00 0.00 ? 1 BLM A HAC  1 
HETATM 115 H  H13  . BLM A 1 . ? 2.624  -3.444  3.224  1.00 0.00 ? 1 BLM A H13  1 
HETATM 116 H  H14  . BLM A 1 . ? 3.384  -5.787  3.768  1.00 0.00 ? 1 BLM A H14  1 
HETATM 117 H  H28  . BLM A 1 . ? 3.403  -8.421  3.333  1.00 0.00 ? 1 BLM A H28  1 
HETATM 118 H  H29  . BLM A 1 . ? 1.219  -8.655  -0.167 1.00 0.00 ? 1 BLM A H29  1 
HETATM 119 H  HNI  . BLM A 1 . ? 2.497  -9.884  1.535  1.00 0.00 ? 1 BLM A HNI  1 
HETATM 120 H  HNK  . BLM A 1 . ? 3.842  -3.701  0.264  1.00 0.00 ? 1 BLM A HNK  1 
HETATM 121 H  H34  . BLM A 1 . ? 4.474  -6.678  -0.016 1.00 0.00 ? 1 BLM A H34  1 
HETATM 122 H  HO2  . BLM A 1 . ? 7.316  -6.174  -1.913 1.00 0.00 ? 1 BLM A HO2  1 
HETATM 123 H  H31  . BLM A 1 . ? 6.602  -4.528  1.121  1.00 0.00 ? 1 BLM A H31  1 
HETATM 124 H  HBA  . BLM A 1 . ? 6.319  -2.116  0.626  1.00 0.00 ? 1 BLM A HBA  1 
HETATM 125 H  HBB  . BLM A 1 . ? 5.657  -2.503  -0.989 1.00 0.00 ? 1 BLM A HBB  1 
HETATM 126 H  HBC  . BLM A 1 . ? 7.371  -2.868  -0.610 1.00 0.00 ? 1 BLM A HBC  1 
HETATM 127 H  H33  . BLM A 1 . ? 5.382  -4.965  -1.657 1.00 0.00 ? 1 BLM A H33  1 
HETATM 128 H  HCB  . BLM A 1 . ? 5.909  -8.442  0.917  1.00 0.00 ? 1 BLM A HCB  1 
HETATM 129 H  HCC  . BLM A 1 . ? 7.378  -7.586  0.355  1.00 0.00 ? 1 BLM A HCC  1 
HETATM 130 H  HCA  . BLM A 1 . ? 6.326  -6.846  1.603  1.00 0.00 ? 1 BLM A HCA  1 
HETATM 131 H  HNL  . BLM A 1 . ? 3.592  -8.297  -1.145 1.00 0.00 ? 1 BLM A HNL  1 
HETATM 132 H  H37  . BLM A 1 . ? 4.868  -9.540  -3.477 1.00 0.00 ? 1 BLM A H37  1 
HETATM 133 H  H38  . BLM A 1 . ? 2.591  -10.512 -3.886 1.00 0.00 ? 1 BLM A H38  1 
HETATM 134 H  HO3  . BLM A 1 . ? 1.011  -10.215 -2.401 1.00 0.00 ? 1 BLM A HO3  1 
HETATM 135 H  HDB  . BLM A 1 . ? 2.753  -12.122 -2.057 1.00 0.00 ? 1 BLM A HDB  1 
HETATM 136 H  HDC  . BLM A 1 . ? 4.419  -11.600 -2.487 1.00 0.00 ? 1 BLM A HDC  1 
HETATM 137 H  HDA  . BLM A 1 . ? 3.637  -10.950 -1.019 1.00 0.00 ? 1 BLM A HDA  1 
HETATM 138 H  HNM  . BLM A 1 . ? 5.561  -7.583  -4.332 1.00 0.00 ? 1 BLM A HNM  1 
HETATM 139 H  H2E  . BLM A 1 . ? 5.847  -5.406  -7.242 1.00 0.00 ? 1 BLM A H2E  1 
HETATM 140 H  H2X  . BLM A 1 . ? 6.728  -6.562  -6.242 1.00 0.00 ? 1 BLM A H2X  1 
HETATM 141 H  H1E  . BLM A 1 . ? 3.784  -5.771  -5.780 1.00 0.00 ? 1 BLM A H1E  1 
HETATM 142 H  H1X  . BLM A 1 . ? 4.301  -7.132  -6.806 1.00 0.00 ? 1 BLM A H1X  1 
HETATM 143 H  H44  . BLM A 1 . ? 8.038  -2.663  -3.095 1.00 0.00 ? 1 BLM A H44  1 
HETATM 144 H  H47  . BLM A 1 . ? 4.353  1.428   -2.166 1.00 0.00 ? 1 BLM A H47  1 
HETATM 145 H  HNP  . BLM A 1 . ? 2.231  1.929   -2.792 1.00 0.00 ? 1 BLM A HNP  1 
HETATM 146 H  H501 . BLM A 1 . ? -0.439 1.075   -3.833 1.00 0.00 ? 1 BLM A H501 1 
HETATM 147 H  H502 . BLM A 1 . ? 0.355  2.502   -4.536 1.00 0.00 ? 1 BLM A H502 1 
HETATM 148 H  H511 . BLM A 1 . ? 0.310  3.685   -2.384 1.00 0.00 ? 1 BLM A H511 1 
HETATM 149 H  H512 . BLM A 1 . ? -0.254 2.238   -1.534 1.00 0.00 ? 1 BLM A H512 1 
HETATM 150 H  H521 . BLM A 1 . ? -2.465 2.334   -2.851 1.00 0.00 ? 1 BLM A H521 1 
HETATM 151 H  H522 . BLM A 1 . ? -1.842 3.800   -3.668 1.00 0.00 ? 1 BLM A H522 1 
HETATM 152 H  H551 . BLM A 1 . ? -2.097 2.527   0.237  1.00 0.00 ? 1 BLM A H551 1 
HETATM 153 H  H552 . BLM A 1 . ? -3.631 2.265   -0.699 1.00 0.00 ? 1 BLM A H552 1 
HETATM 154 H  H553 . BLM A 1 . ? -3.530 3.543   0.581  1.00 0.00 ? 1 BLM A H553 1 
HETATM 155 H  H541 . BLM A 1 . ? -4.503 5.137   -1.623 1.00 0.00 ? 1 BLM A H541 1 
HETATM 156 H  H542 . BLM A 1 . ? -4.469 4.145   -2.423 1.00 0.00 ? 1 BLM A H542 1 
HETATM 157 H  H543 . BLM A 1 . ? -3.951 5.260   -2.750 1.00 0.00 ? 1 BLM A H543 1 
HETATM 158 H  HO59 . BLM A 1 . ? 1.261  -8.131  8.505  1.00 0.00 ? 1 BLM A HO59 1 
HETATM 159 H  HO58 . BLM A 1 . ? -0.139 -6.639  4.412  1.00 0.00 ? 1 BLM A HO58 1 
HETATM 160 H  H611 . BLM A 1 . ? 3.443  -8.402  7.273  1.00 0.00 ? 1 BLM A H611 1 
HETATM 161 H  H612 . BLM A 1 . ? 3.803  -8.806  5.613  1.00 0.00 ? 1 BLM A H612 1 
HETATM 162 H  HO61 . BLM A 1 . ? 3.121  -10.655 6.829  1.00 0.00 ? 1 BLM A HO61 1 
HETATM 163 H  H60  . BLM A 1 . ? 1.610  -8.033  4.924  1.00 0.00 ? 1 BLM A H60  1 
HETATM 164 H  H63  . BLM A 1 . ? 2.255  -4.412  5.558  1.00 0.00 ? 1 BLM A H63  1 
HETATM 165 H  H57  . BLM A 1 . ? 0.894  -5.215  7.354  1.00 0.00 ? 1 BLM A H57  1 
HETATM 166 H  H58  . BLM A 1 . ? -1.113 -6.604  7.070  1.00 0.00 ? 1 BLM A H58  1 
HETATM 167 H  H59  . BLM A 1 . ? 0.240  -8.696  6.791  1.00 0.00 ? 1 BLM A H59  1 
HETATM 168 H  H69  . BLM A 1 . ? -2.423 -5.476  5.118  1.00 0.00 ? 1 BLM A H69  1 
HETATM 169 H  H68  . BLM A 1 . ? -0.665 -4.091  3.890  1.00 0.00 ? 1 BLM A H68  1 
HETATM 170 H  H67  . BLM A 1 . ? -3.053 -2.219  3.602  1.00 0.00 ? 1 BLM A H67  1 
HETATM 171 H  H65  . BLM A 1 . ? -0.349 -1.638  4.912  1.00 0.00 ? 1 BLM A H65  1 
HETATM 172 H  H64  . BLM A 1 . ? -2.007 -4.132  7.213  1.00 0.00 ? 1 BLM A H64  1 
HETATM 173 H  HO67 . BLM A 1 . ? -1.381 -0.872  2.678  1.00 0.00 ? 1 BLM A HO67 1 
HETATM 174 H  HO69 . BLM A 1 . ? -4.230 -4.517  5.794  1.00 0.00 ? 1 BLM A HO69 1 
HETATM 175 H  HNQ1 . BLM A 1 . ? -2.601 -3.111  1.226  1.00 0.00 ? 1 BLM A HNQ1 1 
HETATM 176 H  HNQ2 . BLM A 1 . ? -1.518 -3.518  -0.046 1.00 0.00 ? 1 BLM A HNQ2 1 
HETATM 177 H  HO66 . BLM A 1 . ? -2.176 1.356   3.885  1.00 0.00 ? 1 BLM A HO66 1 
HETATM 178 H  H661 . BLM A 1 . ? -1.533 0.287   5.909  1.00 0.00 ? 1 BLM A H661 1 
HETATM 179 H  H662 . BLM A 1 . ? -3.074 -0.255  5.204  1.00 0.00 ? 1 BLM A H662 1 
HETATM 180 CO CO   . CO  B 2 . ? 0.970  -5.223  0.106  1.00 0.00 ? 2 CO  A CO   1 
# 
